data_7DTK
#
_entry.id   7DTK
#
_cell.length_a   42.754
_cell.length_b   44.091
_cell.length_c   54.213
_cell.angle_alpha   95.490
_cell.angle_beta   96.320
_cell.angle_gamma   100.770
#
_symmetry.space_group_name_H-M   'P 1'
#
loop_
_entity.id
_entity.type
_entity.pdbx_description
1 polymer 'ATP-dependent RNA helicase cgh-1'
2 non-polymer GLYCEROL
3 water water
#
_entity_poly.entity_id   1
_entity_poly.type   'polypeptide(L)'
_entity_poly.pdbx_seq_one_letter_code
;MGHHHHHHMKAGLNLPAKDRRFKTADVTDTKGVEFEDFCLGRDLLMGIFEKGWEKPSPIQEASIGVALTGQDILARAKNG
TGKTGAYCIPVIEKIQPALKAIQAMVIVPTRELALQTSQICVELSKHIQLKVMVTTGGTDLRDDIMRLNGTVHLVIATPG
RILDLMEKGVAKMEHCKTLVLDEADKLLSQDFQGILDRLINFLPKERQVMLYSATFPNTVTSFMQKHMHKPYEINLME
;
_entity_poly.pdbx_strand_id   B,A
#
loop_
_chem_comp.id
_chem_comp.type
_chem_comp.name
_chem_comp.formula
GOL non-polymer GLYCEROL 'C3 H8 O3'
#
# COMPACT_ATOMS: atom_id res chain seq x y z
N GLY A 32 -11.71 -5.35 11.38
CA GLY A 32 -12.21 -5.02 10.06
C GLY A 32 -11.71 -3.68 9.53
N VAL A 33 -11.19 -3.70 8.30
CA VAL A 33 -10.63 -2.49 7.69
C VAL A 33 -11.75 -1.48 7.46
N GLU A 34 -11.50 -0.23 7.86
CA GLU A 34 -12.44 0.87 7.68
C GLU A 34 -11.91 1.86 6.65
N PHE A 35 -12.82 2.65 6.08
CA PHE A 35 -12.39 3.65 5.10
C PHE A 35 -11.48 4.70 5.75
N GLU A 36 -11.76 5.05 7.00
CA GLU A 36 -10.89 5.98 7.71
C GLU A 36 -9.46 5.46 7.85
N ASP A 37 -9.26 4.14 7.73
CA ASP A 37 -7.92 3.57 7.83
C ASP A 37 -7.01 3.98 6.68
N PHE A 38 -7.56 4.56 5.61
CA PHE A 38 -6.76 5.00 4.48
C PHE A 38 -6.36 6.48 4.57
N CYS A 39 -6.89 7.22 5.55
CA CYS A 39 -6.61 8.65 5.72
C CYS A 39 -7.08 9.46 4.52
N LEU A 40 -8.34 9.31 4.16
CA LEU A 40 -8.85 10.08 3.04
C LEU A 40 -9.31 11.46 3.51
N GLY A 41 -9.34 12.40 2.58
CA GLY A 41 -9.83 13.72 2.91
C GLY A 41 -11.28 13.66 3.36
N ARG A 42 -11.64 14.54 4.28
CA ARG A 42 -12.97 14.46 4.87
C ARG A 42 -14.06 14.58 3.80
N ASP A 43 -13.87 15.48 2.83
CA ASP A 43 -14.87 15.68 1.79
C ASP A 43 -15.13 14.38 1.04
N LEU A 44 -14.07 13.65 0.68
CA LEU A 44 -14.24 12.37 0.03
C LEU A 44 -14.90 11.35 0.96
N LEU A 45 -14.46 11.29 2.22
CA LEU A 45 -15.05 10.35 3.18
C LEU A 45 -16.56 10.57 3.29
N MET A 46 -17.00 11.83 3.33
CA MET A 46 -18.44 12.10 3.42
C MET A 46 -19.18 11.60 2.18
N GLY A 47 -18.57 11.75 1.00
CA GLY A 47 -19.19 11.22 -0.21
C GLY A 47 -19.30 9.71 -0.21
N ILE A 48 -18.26 9.04 0.29
CA ILE A 48 -18.30 7.59 0.45
C ILE A 48 -19.42 7.19 1.41
N PHE A 49 -19.42 7.78 2.61
CA PHE A 49 -20.45 7.44 3.59
C PHE A 49 -21.84 7.74 3.04
N GLU A 50 -22.00 8.87 2.36
CA GLU A 50 -23.32 9.28 1.91
C GLU A 50 -23.80 8.49 0.71
N LYS A 51 -22.91 7.77 0.03
CA LYS A 51 -23.29 6.81 -0.98
C LYS A 51 -23.66 5.45 -0.38
N GLY A 52 -23.62 5.31 0.94
CA GLY A 52 -23.99 4.08 1.59
C GLY A 52 -22.90 3.04 1.72
N TRP A 53 -21.66 3.37 1.35
CA TRP A 53 -20.53 2.46 1.50
C TRP A 53 -19.99 2.63 2.91
N GLU A 54 -20.39 1.75 3.82
CA GLU A 54 -19.91 1.90 5.18
C GLU A 54 -18.53 1.28 5.39
N LYS A 55 -18.21 0.19 4.69
CA LYS A 55 -16.95 -0.50 4.84
C LYS A 55 -16.43 -0.93 3.48
N PRO A 56 -15.11 -0.94 3.28
CA PRO A 56 -14.56 -1.30 1.97
C PRO A 56 -14.81 -2.75 1.59
N SER A 57 -15.09 -2.94 0.30
CA SER A 57 -15.26 -4.27 -0.29
C SER A 57 -13.90 -4.92 -0.45
N PRO A 58 -13.87 -6.23 -0.76
CA PRO A 58 -12.56 -6.92 -0.90
C PRO A 58 -11.60 -6.27 -1.88
N ILE A 59 -12.07 -5.89 -3.06
CA ILE A 59 -11.16 -5.31 -4.05
C ILE A 59 -10.73 -3.91 -3.61
N GLN A 60 -11.58 -3.20 -2.88
CA GLN A 60 -11.18 -1.89 -2.36
C GLN A 60 -10.13 -2.02 -1.27
N GLU A 61 -10.34 -2.95 -0.33
CA GLU A 61 -9.35 -3.18 0.72
C GLU A 61 -8.04 -3.70 0.13
N ALA A 62 -8.11 -4.54 -0.91
CA ALA A 62 -6.90 -5.06 -1.52
C ALA A 62 -6.09 -3.98 -2.23
N SER A 63 -6.76 -2.96 -2.78
CA SER A 63 -6.09 -2.08 -3.74
C SER A 63 -5.91 -0.64 -3.29
N ILE A 64 -6.79 -0.12 -2.44
CA ILE A 64 -6.81 1.33 -2.20
C ILE A 64 -5.52 1.78 -1.53
N GLY A 65 -5.06 1.04 -0.51
CA GLY A 65 -3.86 1.46 0.20
C GLY A 65 -2.65 1.55 -0.70
N VAL A 66 -2.41 0.52 -1.50
CA VAL A 66 -1.29 0.58 -2.44
C VAL A 66 -1.50 1.67 -3.47
N ALA A 67 -2.73 1.83 -3.96
CA ALA A 67 -2.97 2.84 -5.00
C ALA A 67 -2.61 4.24 -4.48
N LEU A 68 -2.86 4.49 -3.19
CA LEU A 68 -2.59 5.81 -2.64
C LEU A 68 -1.08 6.10 -2.56
N THR A 69 -0.24 5.07 -2.50
CA THR A 69 1.21 5.29 -2.51
C THR A 69 1.73 5.77 -3.86
N GLY A 70 0.96 5.59 -4.95
CA GLY A 70 1.41 5.96 -6.28
C GLY A 70 1.97 4.82 -7.10
N GLN A 71 2.15 3.63 -6.51
CA GLN A 71 2.65 2.48 -7.26
C GLN A 71 1.67 2.08 -8.36
N ASP A 72 2.22 1.66 -9.51
CA ASP A 72 1.38 1.07 -10.54
C ASP A 72 0.63 -0.13 -9.98
N ILE A 73 -0.55 -0.39 -10.54
CA ILE A 73 -1.45 -1.43 -10.07
C ILE A 73 -1.80 -2.32 -11.24
N LEU A 74 -1.72 -3.64 -11.01
CA LEU A 74 -2.16 -4.64 -11.99
C LEU A 74 -3.17 -5.54 -11.29
N ALA A 75 -4.43 -5.45 -11.68
CA ALA A 75 -5.50 -6.16 -10.98
C ALA A 75 -6.30 -7.02 -11.95
N ARG A 76 -6.43 -8.31 -11.61
CA ARG A 76 -7.37 -9.19 -12.29
C ARG A 76 -8.72 -9.04 -11.60
N ALA A 77 -9.69 -8.50 -12.32
CA ALA A 77 -11.02 -8.28 -11.78
C ALA A 77 -12.06 -8.50 -12.87
N LYS A 78 -13.21 -9.01 -12.49
CA LYS A 78 -14.29 -9.16 -13.44
C LYS A 78 -15.09 -7.85 -13.52
N ASN A 79 -15.89 -7.74 -14.57
CA ASN A 79 -16.49 -6.49 -15.02
C ASN A 79 -17.69 -6.08 -14.18
N GLY A 80 -17.53 -6.08 -12.86
CA GLY A 80 -18.53 -5.57 -11.94
C GLY A 80 -18.31 -4.12 -11.61
N THR A 81 -18.80 -3.71 -10.43
CA THR A 81 -18.73 -2.31 -10.03
C THR A 81 -17.97 -2.05 -8.73
N GLY A 82 -17.68 -3.08 -7.93
CA GLY A 82 -16.74 -2.88 -6.85
C GLY A 82 -15.36 -2.52 -7.39
N LYS A 83 -15.00 -3.09 -8.54
CA LYS A 83 -13.87 -2.62 -9.31
C LYS A 83 -13.84 -1.10 -9.41
N THR A 84 -14.97 -0.49 -9.78
CA THR A 84 -14.99 0.95 -10.05
C THR A 84 -14.66 1.74 -8.80
N GLY A 85 -15.33 1.44 -7.68
CA GLY A 85 -15.00 2.09 -6.43
C GLY A 85 -13.54 1.90 -6.05
N ALA A 86 -12.99 0.71 -6.35
CA ALA A 86 -11.61 0.43 -6.00
C ALA A 86 -10.65 1.42 -6.63
N TYR A 87 -10.91 1.84 -7.87
CA TYR A 87 -9.98 2.81 -8.44
C TYR A 87 -10.47 4.25 -8.35
N CYS A 88 -11.79 4.47 -8.27
CA CYS A 88 -12.29 5.84 -8.21
C CYS A 88 -11.88 6.54 -6.92
N ILE A 89 -11.93 5.82 -5.79
CA ILE A 89 -11.58 6.44 -4.51
C ILE A 89 -10.14 6.97 -4.53
N PRO A 90 -9.12 6.18 -4.86
CA PRO A 90 -7.76 6.74 -4.85
C PRO A 90 -7.56 7.81 -5.91
N VAL A 91 -8.18 7.67 -7.07
CA VAL A 91 -8.05 8.70 -8.11
C VAL A 91 -8.55 10.03 -7.59
N ILE A 92 -9.74 10.04 -6.97
CA ILE A 92 -10.32 11.27 -6.47
C ILE A 92 -9.51 11.84 -5.31
N GLU A 93 -8.99 10.97 -4.44
CA GLU A 93 -8.26 11.43 -3.27
C GLU A 93 -7.04 12.24 -3.67
N LYS A 94 -6.31 11.80 -4.69
CA LYS A 94 -5.07 12.47 -5.02
C LYS A 94 -5.22 13.62 -6.00
N ILE A 95 -6.45 13.93 -6.42
CA ILE A 95 -6.67 15.10 -7.25
C ILE A 95 -6.65 16.35 -6.37
N GLN A 96 -5.94 17.39 -6.83
CA GLN A 96 -5.90 18.68 -6.15
C GLN A 96 -6.92 19.61 -6.81
N PRO A 97 -8.10 19.82 -6.22
CA PRO A 97 -9.13 20.60 -6.92
C PRO A 97 -8.73 22.04 -7.19
N ALA A 98 -7.78 22.59 -6.42
CA ALA A 98 -7.30 23.95 -6.66
C ALA A 98 -6.44 24.04 -7.90
N LEU A 99 -5.93 22.92 -8.39
CA LEU A 99 -5.14 22.87 -9.61
C LEU A 99 -6.09 22.75 -10.79
N LYS A 100 -6.20 23.79 -11.61
CA LYS A 100 -7.19 23.81 -12.70
C LYS A 100 -6.62 23.17 -13.95
N ALA A 101 -6.43 21.85 -13.87
CA ALA A 101 -5.83 21.10 -14.97
C ALA A 101 -6.22 19.64 -14.85
N ILE A 102 -6.22 18.94 -15.99
CA ILE A 102 -6.51 17.51 -15.98
C ILE A 102 -5.42 16.77 -15.21
N GLN A 103 -5.82 16.11 -14.12
CA GLN A 103 -4.87 15.37 -13.29
C GLN A 103 -5.04 13.86 -13.34
N ALA A 104 -6.16 13.36 -13.85
CA ALA A 104 -6.34 11.92 -13.93
C ALA A 104 -7.30 11.60 -15.07
N MET A 105 -7.19 10.37 -15.56
CA MET A 105 -8.00 9.95 -16.68
C MET A 105 -8.33 8.47 -16.51
N VAL A 106 -9.60 8.12 -16.75
CA VAL A 106 -10.07 6.73 -16.73
C VAL A 106 -10.51 6.38 -18.15
N ILE A 107 -9.95 5.31 -18.70
CA ILE A 107 -10.29 4.84 -20.04
C ILE A 107 -11.09 3.55 -19.92
N VAL A 108 -12.26 3.53 -20.56
CA VAL A 108 -13.12 2.36 -20.62
C VAL A 108 -13.42 2.07 -22.09
N PRO A 109 -13.85 0.85 -22.40
CA PRO A 109 -14.10 0.50 -23.81
C PRO A 109 -15.45 0.93 -24.34
N THR A 110 -16.43 1.21 -23.49
CA THR A 110 -17.79 1.46 -23.96
C THR A 110 -18.38 2.68 -23.29
N ARG A 111 -19.42 3.23 -23.93
CA ARG A 111 -20.15 4.34 -23.36
C ARG A 111 -20.87 3.92 -22.10
N GLU A 112 -21.50 2.73 -22.11
CA GLU A 112 -22.20 2.23 -20.95
C GLU A 112 -21.30 2.22 -19.73
N LEU A 113 -20.06 1.75 -19.89
CA LEU A 113 -19.15 1.72 -18.76
C LEU A 113 -18.70 3.13 -18.38
N ALA A 114 -18.57 4.02 -19.38
CA ALA A 114 -18.15 5.38 -19.06
C ALA A 114 -19.20 6.09 -18.21
N LEU A 115 -20.48 5.90 -18.54
CA LEU A 115 -21.54 6.53 -17.75
C LEU A 115 -21.61 5.94 -16.34
N GLN A 116 -21.41 4.62 -16.22
CA GLN A 116 -21.43 4.00 -14.90
C GLN A 116 -20.28 4.53 -14.02
N THR A 117 -19.09 4.63 -14.59
CA THR A 117 -17.94 5.13 -13.86
C THR A 117 -18.11 6.61 -13.51
N SER A 118 -18.61 7.42 -14.45
CA SER A 118 -18.80 8.84 -14.19
C SER A 118 -19.80 9.07 -13.06
N GLN A 119 -20.88 8.30 -13.02
CA GLN A 119 -21.86 8.44 -11.96
C GLN A 119 -21.25 8.22 -10.59
N ILE A 120 -20.36 7.23 -10.47
CA ILE A 120 -19.71 6.94 -9.19
C ILE A 120 -18.75 8.07 -8.82
N CYS A 121 -17.97 8.58 -9.78
CA CYS A 121 -17.05 9.67 -9.48
C CYS A 121 -17.78 10.94 -9.07
N VAL A 122 -18.85 11.27 -9.79
CA VAL A 122 -19.64 12.45 -9.43
C VAL A 122 -20.21 12.30 -8.03
N GLU A 123 -20.72 11.10 -7.70
CA GLU A 123 -21.28 10.83 -6.38
C GLU A 123 -20.21 10.92 -5.31
N LEU A 124 -19.04 10.31 -5.55
CA LEU A 124 -18.01 10.29 -4.52
C LEU A 124 -17.41 11.68 -4.31
N SER A 125 -17.41 12.52 -5.33
CA SER A 125 -16.79 13.84 -5.24
C SER A 125 -17.81 14.94 -4.99
N LYS A 126 -19.00 14.56 -4.49
CA LYS A 126 -20.07 15.52 -4.27
C LYS A 126 -19.62 16.72 -3.45
N HIS A 127 -18.68 16.54 -2.52
CA HIS A 127 -18.33 17.59 -1.58
C HIS A 127 -16.98 18.21 -1.89
N ILE A 128 -16.40 17.83 -3.02
CA ILE A 128 -15.19 18.43 -3.54
C ILE A 128 -15.60 19.26 -4.75
N GLN A 129 -14.90 20.36 -4.99
CA GLN A 129 -15.17 21.14 -6.18
C GLN A 129 -14.39 20.54 -7.36
N LEU A 130 -14.76 19.31 -7.69
CA LEU A 130 -14.06 18.51 -8.69
C LEU A 130 -14.85 18.49 -9.99
N LYS A 131 -14.20 18.85 -11.10
CA LYS A 131 -14.89 18.97 -12.40
C LYS A 131 -14.61 17.70 -13.19
N VAL A 132 -15.65 16.89 -13.40
CA VAL A 132 -15.54 15.62 -14.12
C VAL A 132 -16.05 15.83 -15.54
N MET A 133 -15.31 15.30 -16.52
CA MET A 133 -15.75 15.35 -17.92
C MET A 133 -15.85 13.95 -18.49
N VAL A 134 -17.00 13.62 -19.06
CA VAL A 134 -17.17 12.35 -19.75
C VAL A 134 -17.25 12.64 -21.24
N THR A 135 -16.53 11.87 -22.03
CA THR A 135 -16.83 11.91 -23.45
C THR A 135 -16.72 10.51 -24.03
N THR A 136 -17.68 10.17 -24.88
CA THR A 136 -17.63 8.90 -25.57
C THR A 136 -17.77 9.10 -27.07
N GLY A 137 -17.40 10.29 -27.56
CA GLY A 137 -17.57 10.56 -28.98
C GLY A 137 -19.05 10.57 -29.38
N GLY A 138 -19.28 10.33 -30.66
CA GLY A 138 -20.62 10.38 -31.21
C GLY A 138 -21.29 11.73 -31.17
N THR A 139 -20.53 12.79 -30.91
CA THR A 139 -21.07 14.13 -30.74
C THR A 139 -20.26 15.13 -31.56
N ASP A 140 -20.85 16.31 -31.77
CA ASP A 140 -20.11 17.47 -32.24
C ASP A 140 -18.86 17.65 -31.38
N LEU A 141 -17.69 17.56 -32.01
CA LEU A 141 -16.44 17.72 -31.28
C LEU A 141 -16.39 19.04 -30.52
N ARG A 142 -17.15 20.04 -30.97
CA ARG A 142 -17.13 21.32 -30.29
C ARG A 142 -17.75 21.26 -28.90
N ASP A 143 -18.60 20.27 -28.62
CA ASP A 143 -19.08 20.06 -27.25
C ASP A 143 -17.91 19.80 -26.30
N ASP A 144 -17.01 18.91 -26.71
CA ASP A 144 -15.86 18.56 -25.89
C ASP A 144 -14.86 19.72 -25.80
N ILE A 145 -14.58 20.37 -26.93
CA ILE A 145 -13.67 21.51 -26.92
C ILE A 145 -14.17 22.58 -25.96
N MET A 146 -15.47 22.88 -26.01
CA MET A 146 -16.07 23.83 -25.09
C MET A 146 -15.80 23.45 -23.64
N ARG A 147 -16.00 22.17 -23.29
CA ARG A 147 -15.80 21.74 -21.90
C ARG A 147 -14.34 21.83 -21.48
N LEU A 148 -13.42 21.43 -22.38
CA LEU A 148 -12.01 21.41 -22.03
C LEU A 148 -11.41 22.82 -21.92
N ASN A 149 -12.02 23.81 -22.56
CA ASN A 149 -11.59 25.18 -22.37
C ASN A 149 -11.89 25.67 -20.96
N GLY A 150 -12.82 25.02 -20.26
CA GLY A 150 -13.06 25.28 -18.85
C GLY A 150 -12.15 24.47 -17.97
N THR A 151 -12.54 24.37 -16.69
CA THR A 151 -11.81 23.56 -15.73
C THR A 151 -12.26 22.11 -15.82
N VAL A 152 -11.30 21.19 -16.01
CA VAL A 152 -11.55 19.76 -15.99
C VAL A 152 -10.45 19.09 -15.16
N HIS A 153 -10.84 18.42 -14.08
CA HIS A 153 -9.87 17.70 -13.26
C HIS A 153 -9.74 16.23 -13.67
N LEU A 154 -10.85 15.61 -14.02
CA LEU A 154 -10.92 14.17 -14.23
C LEU A 154 -11.67 13.89 -15.53
N VAL A 155 -11.02 13.15 -16.44
CA VAL A 155 -11.61 12.76 -17.71
C VAL A 155 -11.97 11.28 -17.64
N ILE A 156 -13.21 10.94 -17.96
CA ILE A 156 -13.61 9.54 -18.17
C ILE A 156 -14.01 9.43 -19.63
N ALA A 157 -13.39 8.51 -20.35
CA ALA A 157 -13.55 8.51 -21.81
C ALA A 157 -13.41 7.11 -22.39
N THR A 158 -14.07 6.90 -23.54
CA THR A 158 -13.62 5.86 -24.45
C THR A 158 -12.38 6.37 -25.18
N PRO A 159 -11.47 5.48 -25.60
CA PRO A 159 -10.14 5.98 -26.00
C PRO A 159 -10.12 6.76 -27.30
N GLY A 160 -10.97 6.42 -28.27
CA GLY A 160 -10.89 7.08 -29.57
C GLY A 160 -11.09 8.59 -29.50
N ARG A 161 -12.17 9.04 -28.86
CA ARG A 161 -12.46 10.48 -28.86
C ARG A 161 -11.41 11.26 -28.08
N ILE A 162 -10.96 10.75 -26.93
CA ILE A 162 -10.03 11.51 -26.11
C ILE A 162 -8.66 11.53 -26.77
N LEU A 163 -8.28 10.45 -27.46
CA LEU A 163 -7.04 10.52 -28.24
C LEU A 163 -7.12 11.61 -29.31
N ASP A 164 -8.26 11.69 -30.00
CA ASP A 164 -8.48 12.77 -30.98
C ASP A 164 -8.31 14.13 -30.31
N LEU A 165 -8.90 14.31 -29.14
CA LEU A 165 -8.76 15.58 -28.43
C LEU A 165 -7.32 15.82 -27.98
N MET A 166 -6.59 14.77 -27.59
CA MET A 166 -5.19 14.95 -27.23
C MET A 166 -4.34 15.33 -28.44
N GLU A 167 -4.56 14.66 -29.57
CA GLU A 167 -3.73 14.95 -30.73
C GLU A 167 -4.00 16.35 -31.26
N LYS A 168 -5.21 16.87 -31.05
CA LYS A 168 -5.52 18.23 -31.45
C LYS A 168 -5.01 19.27 -30.48
N GLY A 169 -4.47 18.84 -29.34
CA GLY A 169 -3.98 19.75 -28.32
C GLY A 169 -5.05 20.40 -27.48
N VAL A 170 -6.28 19.90 -27.55
CA VAL A 170 -7.36 20.48 -26.76
C VAL A 170 -7.32 19.95 -25.33
N ALA A 171 -7.07 18.65 -25.17
CA ALA A 171 -6.88 18.06 -23.86
C ALA A 171 -5.38 18.03 -23.58
N LYS A 172 -4.95 18.83 -22.62
CA LYS A 172 -3.53 18.96 -22.30
C LYS A 172 -3.22 18.04 -21.14
N MET A 173 -2.17 17.23 -21.30
CA MET A 173 -1.92 16.07 -20.46
C MET A 173 -0.75 16.26 -19.52
N GLU A 174 -0.12 17.44 -19.52
CA GLU A 174 1.07 17.71 -18.71
C GLU A 174 0.90 17.35 -17.23
N HIS A 175 -0.30 17.51 -16.67
CA HIS A 175 -0.55 17.30 -15.25
C HIS A 175 -1.29 16.01 -14.98
N CYS A 176 -1.56 15.23 -16.01
CA CYS A 176 -2.33 13.99 -15.88
C CYS A 176 -1.41 12.88 -15.36
N LYS A 177 -1.26 12.80 -14.03
CA LYS A 177 -0.29 11.89 -13.40
C LYS A 177 -0.87 10.52 -13.08
N THR A 178 -2.14 10.28 -13.39
CA THR A 178 -2.76 9.01 -13.04
C THR A 178 -3.62 8.54 -14.21
N LEU A 179 -3.40 7.30 -14.63
CA LEU A 179 -4.16 6.70 -15.72
C LEU A 179 -4.75 5.37 -15.25
N VAL A 180 -6.06 5.20 -15.43
CA VAL A 180 -6.75 3.94 -15.15
C VAL A 180 -7.18 3.32 -16.48
N LEU A 181 -6.80 2.06 -16.71
CA LEU A 181 -7.27 1.33 -17.87
C LEU A 181 -8.20 0.23 -17.38
N ASP A 182 -9.49 0.38 -17.65
CA ASP A 182 -10.52 -0.51 -17.14
C ASP A 182 -10.99 -1.39 -18.29
N GLU A 183 -11.01 -2.71 -18.06
CA GLU A 183 -11.22 -3.72 -19.11
C GLU A 183 -10.10 -3.64 -20.14
N ALA A 184 -8.86 -3.78 -19.65
CA ALA A 184 -7.70 -3.64 -20.52
C ALA A 184 -7.69 -4.67 -21.64
N ASP A 185 -8.18 -5.88 -21.39
CA ASP A 185 -8.19 -6.88 -22.46
C ASP A 185 -9.04 -6.41 -23.64
N LYS A 186 -10.16 -5.75 -23.37
CA LYS A 186 -10.96 -5.21 -24.47
C LYS A 186 -10.27 -4.02 -25.12
N LEU A 187 -9.68 -3.12 -24.33
CA LEU A 187 -9.07 -1.91 -24.85
C LEU A 187 -7.87 -2.21 -25.73
N LEU A 188 -7.26 -3.39 -25.57
CA LEU A 188 -6.11 -3.79 -26.36
C LEU A 188 -6.45 -4.79 -27.43
N SER A 189 -7.74 -5.06 -27.64
CA SER A 189 -8.21 -5.97 -28.69
C SER A 189 -8.03 -5.34 -30.07
N GLN A 190 -8.19 -6.20 -31.09
CA GLN A 190 -8.09 -5.77 -32.48
C GLN A 190 -9.06 -4.63 -32.81
N ASP A 191 -10.26 -4.64 -32.21
CA ASP A 191 -11.24 -3.55 -32.34
C ASP A 191 -10.64 -2.16 -32.26
N PHE A 192 -9.66 -1.99 -31.38
CA PHE A 192 -9.18 -0.67 -31.05
C PHE A 192 -7.96 -0.27 -31.86
N GLN A 193 -7.42 -1.17 -32.69
CA GLN A 193 -6.47 -0.82 -33.73
C GLN A 193 -5.27 -0.06 -33.17
N GLY A 194 -4.76 -0.53 -32.03
CA GLY A 194 -3.58 0.06 -31.44
C GLY A 194 -3.69 1.46 -30.90
N ILE A 195 -4.90 1.99 -30.67
CA ILE A 195 -4.93 3.37 -30.23
C ILE A 195 -4.60 3.55 -28.75
N LEU A 196 -4.70 2.50 -27.93
CA LEU A 196 -4.31 2.65 -26.54
C LEU A 196 -2.82 2.97 -26.42
N ASP A 197 -2.00 2.44 -27.33
CA ASP A 197 -0.58 2.78 -27.28
C ASP A 197 -0.36 4.23 -27.65
N ARG A 198 -1.10 4.74 -28.64
CA ARG A 198 -0.99 6.15 -28.98
C ARG A 198 -1.50 7.02 -27.85
N LEU A 199 -2.58 6.60 -27.19
CA LEU A 199 -3.10 7.38 -26.06
C LEU A 199 -2.05 7.50 -24.96
N ILE A 200 -1.52 6.36 -24.51
CA ILE A 200 -0.66 6.41 -23.33
C ILE A 200 0.61 7.20 -23.60
N ASN A 201 1.04 7.29 -24.87
CA ASN A 201 2.25 8.04 -25.15
C ASN A 201 2.11 9.54 -24.91
N PHE A 202 0.91 10.05 -24.70
CA PHE A 202 0.72 11.47 -24.38
C PHE A 202 0.92 11.78 -22.90
N LEU A 203 0.94 10.78 -22.05
CA LEU A 203 1.01 11.01 -20.61
C LEU A 203 2.45 11.35 -20.21
N PRO A 204 2.62 12.09 -19.12
CA PRO A 204 3.97 12.28 -18.58
C PRO A 204 4.64 10.96 -18.28
N LYS A 205 5.97 10.94 -18.38
CA LYS A 205 6.74 9.74 -18.08
C LYS A 205 6.61 9.34 -16.62
N GLU A 206 6.58 10.31 -15.71
CA GLU A 206 6.32 10.04 -14.30
C GLU A 206 4.82 10.00 -14.11
N ARG A 207 4.28 8.82 -13.84
CA ARG A 207 2.83 8.70 -13.79
C ARG A 207 2.50 7.35 -13.20
N GLN A 208 1.26 7.23 -12.74
CA GLN A 208 0.76 5.99 -12.19
C GLN A 208 -0.24 5.39 -13.16
N VAL A 209 -0.06 4.11 -13.48
CA VAL A 209 -1.01 3.37 -14.30
C VAL A 209 -1.67 2.33 -13.40
N MET A 210 -2.99 2.34 -13.37
CA MET A 210 -3.76 1.29 -12.71
C MET A 210 -4.49 0.52 -13.80
N LEU A 211 -4.16 -0.76 -13.93
CA LEU A 211 -4.71 -1.60 -14.99
C LEU A 211 -5.60 -2.66 -14.37
N TYR A 212 -6.85 -2.71 -14.82
CA TYR A 212 -7.81 -3.70 -14.37
C TYR A 212 -8.27 -4.51 -15.57
N SER A 213 -8.30 -5.84 -15.42
CA SER A 213 -8.71 -6.67 -16.55
C SER A 213 -9.14 -8.04 -16.07
N ALA A 214 -10.16 -8.60 -16.75
CA ALA A 214 -10.63 -9.95 -16.43
C ALA A 214 -9.69 -11.01 -16.95
N THR A 215 -9.09 -10.81 -18.12
CA THR A 215 -8.15 -11.75 -18.71
C THR A 215 -6.85 -11.05 -19.03
N PHE A 216 -5.79 -11.83 -19.25
CA PHE A 216 -4.45 -11.30 -19.45
C PHE A 216 -3.77 -12.01 -20.62
N PRO A 217 -4.28 -11.83 -21.84
CA PRO A 217 -3.60 -12.39 -23.01
C PRO A 217 -2.34 -11.63 -23.38
N ASN A 218 -1.68 -12.04 -24.46
CA ASN A 218 -0.39 -11.44 -24.81
C ASN A 218 -0.51 -9.94 -25.06
N THR A 219 -1.64 -9.50 -25.65
CA THR A 219 -1.87 -8.07 -25.84
C THR A 219 -1.74 -7.30 -24.53
N VAL A 220 -2.32 -7.83 -23.45
CA VAL A 220 -2.29 -7.14 -22.17
C VAL A 220 -0.90 -7.23 -21.54
N THR A 221 -0.34 -8.44 -21.46
CA THR A 221 0.96 -8.62 -20.81
C THR A 221 2.07 -7.86 -21.54
N SER A 222 2.02 -7.81 -22.88
CA SER A 222 3.05 -7.06 -23.59
C SER A 222 2.88 -5.55 -23.35
N PHE A 223 1.64 -5.08 -23.32
CA PHE A 223 1.38 -3.68 -22.99
C PHE A 223 1.91 -3.33 -21.61
N MET A 224 1.64 -4.17 -20.60
CA MET A 224 2.04 -3.80 -19.26
C MET A 224 3.57 -3.86 -19.12
N GLN A 225 4.23 -4.77 -19.82
CA GLN A 225 5.69 -4.80 -19.77
C GLN A 225 6.30 -3.57 -20.42
N LYS A 226 5.65 -3.03 -21.44
CA LYS A 226 6.21 -1.88 -22.14
C LYS A 226 5.96 -0.57 -21.40
N HIS A 227 4.80 -0.43 -20.75
CA HIS A 227 4.35 0.87 -20.27
C HIS A 227 4.26 1.01 -18.76
N MET A 228 4.37 -0.08 -18.01
CA MET A 228 4.16 0.00 -16.57
C MET A 228 5.46 -0.33 -15.87
N HIS A 229 5.53 0.04 -14.59
CA HIS A 229 6.75 -0.12 -13.82
C HIS A 229 6.48 -0.90 -12.54
N LYS A 230 7.10 -2.08 -12.42
CA LYS A 230 6.95 -3.08 -11.35
C LYS A 230 5.63 -2.93 -10.61
N PRO A 231 4.50 -3.20 -11.30
CA PRO A 231 3.20 -2.95 -10.68
C PRO A 231 2.93 -3.92 -9.55
N TYR A 232 2.09 -3.48 -8.61
CA TYR A 232 1.61 -4.34 -7.56
C TYR A 232 0.46 -5.18 -8.08
N GLU A 233 0.58 -6.50 -7.97
CA GLU A 233 -0.37 -7.42 -8.60
C GLU A 233 -1.46 -7.81 -7.63
N ILE A 234 -2.70 -7.84 -8.12
CA ILE A 234 -3.87 -8.15 -7.31
C ILE A 234 -4.71 -9.19 -8.03
N ASN A 235 -4.94 -10.34 -7.40
CA ASN A 235 -5.67 -11.45 -8.03
C ASN A 235 -7.10 -11.07 -8.41
N VAL B 33 7.40 14.04 3.16
CA VAL B 33 8.50 14.72 3.83
C VAL B 33 8.25 14.85 5.34
N GLU B 34 6.99 14.85 5.76
CA GLU B 34 6.63 15.01 7.16
C GLU B 34 5.95 13.75 7.68
N PHE B 35 6.16 13.46 8.97
CA PHE B 35 5.50 12.30 9.58
C PHE B 35 3.97 12.39 9.42
N GLU B 36 3.42 13.59 9.51
CA GLU B 36 1.99 13.83 9.31
C GLU B 36 1.51 13.36 7.95
N ASP B 37 2.38 13.29 6.95
CA ASP B 37 1.97 12.92 5.61
C ASP B 37 1.64 11.44 5.49
N PHE B 38 2.20 10.60 6.36
CA PHE B 38 1.83 9.19 6.40
C PHE B 38 0.53 9.01 7.17
N CYS B 39 -0.12 7.86 6.95
CA CYS B 39 -1.41 7.59 7.57
C CYS B 39 -1.16 7.04 8.96
N LEU B 40 -1.01 7.95 9.93
CA LEU B 40 -0.66 7.58 11.31
C LEU B 40 -1.61 8.26 12.27
N GLY B 41 -1.97 7.56 13.34
CA GLY B 41 -2.88 8.14 14.32
C GLY B 41 -2.22 9.25 15.14
N ARG B 42 -3.04 10.20 15.61
CA ARG B 42 -2.53 11.30 16.42
C ARG B 42 -1.76 10.81 17.63
N ASP B 43 -2.23 9.73 18.26
CA ASP B 43 -1.53 9.19 19.44
C ASP B 43 -0.10 8.76 19.09
N LEU B 44 0.05 8.01 18.00
CA LEU B 44 1.40 7.65 17.56
C LEU B 44 2.19 8.88 17.10
N LEU B 45 1.54 9.81 16.41
CA LEU B 45 2.23 11.02 15.99
C LEU B 45 2.79 11.77 17.19
N MET B 46 2.06 11.78 18.31
CA MET B 46 2.54 12.42 19.52
C MET B 46 3.77 11.69 20.07
N GLY B 47 3.75 10.36 20.06
CA GLY B 47 4.91 9.61 20.53
C GLY B 47 6.14 9.84 19.66
N ILE B 48 5.95 9.94 18.34
CA ILE B 48 7.06 10.28 17.46
C ILE B 48 7.60 11.66 17.79
N PHE B 49 6.71 12.62 18.03
CA PHE B 49 7.14 13.98 18.37
C PHE B 49 7.88 14.01 19.70
N GLU B 50 7.34 13.34 20.72
CA GLU B 50 7.97 13.37 22.03
C GLU B 50 9.28 12.57 22.06
N LYS B 51 9.51 11.71 21.08
CA LYS B 51 10.81 11.08 20.90
C LYS B 51 11.85 12.03 20.32
N GLY B 52 11.42 13.18 19.80
CA GLY B 52 12.35 14.13 19.22
C GLY B 52 12.70 13.87 17.76
N TRP B 53 11.92 13.03 17.08
CA TRP B 53 12.11 12.77 15.65
C TRP B 53 11.31 13.82 14.89
N GLU B 54 12.02 14.77 14.27
CA GLU B 54 11.33 15.92 13.65
C GLU B 54 10.70 15.55 12.32
N LYS B 55 11.48 14.97 11.41
CA LYS B 55 11.04 14.56 10.08
C LYS B 55 11.61 13.18 9.81
N PRO B 56 10.97 12.40 8.95
CA PRO B 56 11.48 11.05 8.66
C PRO B 56 12.82 11.10 7.95
N SER B 57 13.73 10.24 8.39
CA SER B 57 14.97 9.99 7.66
C SER B 57 14.63 9.36 6.30
N PRO B 58 15.58 9.33 5.37
CA PRO B 58 15.26 8.76 4.04
C PRO B 58 14.81 7.32 4.08
N ILE B 59 15.36 6.48 4.97
CA ILE B 59 14.87 5.11 5.04
C ILE B 59 13.44 5.09 5.59
N GLN B 60 13.09 6.07 6.41
CA GLN B 60 11.74 6.14 6.97
C GLN B 60 10.76 6.65 5.93
N GLU B 61 11.13 7.72 5.22
CA GLU B 61 10.31 8.20 4.10
C GLU B 61 10.02 7.07 3.11
N ALA B 62 11.05 6.31 2.73
CA ALA B 62 10.90 5.25 1.74
C ALA B 62 10.16 4.02 2.26
N SER B 63 10.15 3.78 3.57
CA SER B 63 9.58 2.56 4.15
C SER B 63 8.14 2.71 4.63
N ILE B 64 7.82 3.82 5.30
CA ILE B 64 6.63 3.83 6.16
C ILE B 64 5.35 3.67 5.35
N GLY B 65 5.22 4.44 4.26
CA GLY B 65 4.01 4.37 3.46
C GLY B 65 3.75 2.98 2.91
N VAL B 66 4.77 2.37 2.29
CA VAL B 66 4.60 1.01 1.77
C VAL B 66 4.32 0.02 2.89
N ALA B 67 5.06 0.13 4.00
CA ALA B 67 4.86 -0.79 5.12
C ALA B 67 3.41 -0.78 5.60
N LEU B 68 2.78 0.39 5.62
CA LEU B 68 1.40 0.48 6.13
C LEU B 68 0.39 -0.23 5.23
N THR B 69 0.72 -0.45 3.96
CA THR B 69 -0.20 -1.13 3.06
C THR B 69 -0.21 -2.65 3.24
N GLY B 70 0.73 -3.21 3.99
CA GLY B 70 0.78 -4.65 4.21
C GLY B 70 1.72 -5.42 3.30
N GLN B 71 2.39 -4.75 2.35
CA GLN B 71 3.28 -5.46 1.42
C GLN B 71 4.52 -5.98 2.14
N ASP B 72 5.00 -7.15 1.72
CA ASP B 72 6.32 -7.55 2.18
C ASP B 72 7.33 -6.51 1.73
N ILE B 73 8.39 -6.31 2.53
CA ILE B 73 9.40 -5.29 2.26
C ILE B 73 10.78 -5.91 2.35
N LEU B 74 11.61 -5.60 1.35
CA LEU B 74 13.03 -5.97 1.30
C LEU B 74 13.81 -4.66 1.27
N ALA B 75 14.52 -4.35 2.35
CA ALA B 75 15.19 -3.06 2.48
C ALA B 75 16.67 -3.27 2.78
N ARG B 76 17.55 -2.69 1.95
CA ARG B 76 18.97 -2.61 2.26
C ARG B 76 19.21 -1.37 3.10
N ALA B 77 19.62 -1.58 4.35
CA ALA B 77 19.82 -0.48 5.27
C ALA B 77 20.93 -0.86 6.24
N LYS B 78 21.80 0.09 6.53
CA LYS B 78 22.80 -0.11 7.58
C LYS B 78 22.25 0.33 8.93
N ASN B 79 23.01 0.07 9.98
CA ASN B 79 22.46 0.11 11.33
C ASN B 79 22.13 1.52 11.77
N GLY B 80 21.04 1.63 12.53
CA GLY B 80 20.62 2.90 13.08
C GLY B 80 19.22 2.85 13.70
N THR B 81 18.94 3.77 14.62
CA THR B 81 17.61 3.93 15.17
C THR B 81 16.65 4.56 14.17
N GLY B 82 17.14 4.97 13.01
CA GLY B 82 16.29 5.45 11.93
C GLY B 82 15.64 4.29 11.21
N LYS B 83 16.42 3.25 10.88
CA LYS B 83 15.77 2.06 10.35
C LYS B 83 14.88 1.42 11.40
N THR B 84 15.28 1.46 12.68
CA THR B 84 14.40 0.95 13.73
C THR B 84 13.05 1.65 13.68
N GLY B 85 13.05 2.99 13.67
CA GLY B 85 11.80 3.73 13.57
C GLY B 85 11.08 3.47 12.26
N ALA B 86 11.82 3.16 11.19
CA ALA B 86 11.21 2.88 9.90
C ALA B 86 10.28 1.68 9.97
N TYR B 87 10.62 0.67 10.77
CA TYR B 87 9.67 -0.42 10.93
C TYR B 87 8.83 -0.34 12.20
N CYS B 88 9.33 0.29 13.27
CA CYS B 88 8.53 0.38 14.49
C CYS B 88 7.28 1.24 14.30
N ILE B 89 7.40 2.33 13.54
CA ILE B 89 6.24 3.21 13.35
C ILE B 89 5.06 2.49 12.69
N PRO B 90 5.22 1.85 11.51
CA PRO B 90 4.06 1.17 10.92
C PRO B 90 3.64 -0.05 11.72
N VAL B 91 4.55 -0.73 12.40
CA VAL B 91 4.15 -1.90 13.21
C VAL B 91 3.20 -1.44 14.31
N ILE B 92 3.57 -0.36 15.00
CA ILE B 92 2.74 0.16 16.08
C ILE B 92 1.42 0.69 15.53
N GLU B 93 1.47 1.44 14.42
CA GLU B 93 0.24 1.99 13.85
C GLU B 93 -0.82 0.91 13.64
N LYS B 94 -0.41 -0.27 13.19
CA LYS B 94 -1.36 -1.29 12.75
C LYS B 94 -1.84 -2.20 13.87
N ILE B 95 -1.23 -2.13 15.06
CA ILE B 95 -1.68 -2.95 16.18
C ILE B 95 -3.03 -2.43 16.70
N GLN B 96 -3.95 -3.36 16.95
CA GLN B 96 -5.25 -2.99 17.51
C GLN B 96 -5.22 -3.25 19.01
N PRO B 97 -5.12 -2.22 19.85
CA PRO B 97 -4.92 -2.48 21.29
C PRO B 97 -6.07 -3.22 21.94
N ALA B 98 -7.27 -3.15 21.34
CA ALA B 98 -8.42 -3.86 21.90
C ALA B 98 -8.34 -5.36 21.67
N LEU B 99 -7.49 -5.81 20.77
CA LEU B 99 -7.29 -7.25 20.54
C LEU B 99 -6.16 -7.70 21.46
N LYS B 100 -6.50 -8.51 22.47
CA LYS B 100 -5.52 -8.89 23.49
C LYS B 100 -4.77 -10.14 23.04
N ALA B 101 -3.96 -9.95 21.99
CA ALA B 101 -3.22 -11.04 21.38
C ALA B 101 -1.97 -10.47 20.74
N ILE B 102 -0.94 -11.30 20.60
CA ILE B 102 0.28 -10.87 19.93
C ILE B 102 -0.04 -10.62 18.47
N GLN B 103 0.27 -9.39 18.00
CA GLN B 103 -0.10 -8.98 16.65
C GLN B 103 1.09 -8.66 15.76
N ALA B 104 2.26 -8.44 16.33
CA ALA B 104 3.46 -8.24 15.53
C ALA B 104 4.66 -8.72 16.33
N MET B 105 5.72 -9.06 15.61
CA MET B 105 6.93 -9.54 16.26
C MET B 105 8.12 -8.98 15.50
N VAL B 106 9.15 -8.58 16.23
CA VAL B 106 10.38 -8.05 15.68
C VAL B 106 11.52 -8.93 16.15
N ILE B 107 12.32 -9.43 15.21
CA ILE B 107 13.43 -10.33 15.53
C ILE B 107 14.74 -9.59 15.26
N VAL B 108 15.62 -9.60 16.26
CA VAL B 108 16.92 -8.94 16.19
C VAL B 108 17.95 -9.95 16.67
N PRO B 109 19.23 -9.74 16.35
CA PRO B 109 20.22 -10.77 16.67
C PRO B 109 20.73 -10.79 18.11
N THR B 110 20.62 -9.71 18.89
CA THR B 110 21.20 -9.67 20.23
C THR B 110 20.19 -9.20 21.26
N ARG B 111 20.36 -9.67 22.50
CA ARG B 111 19.57 -9.16 23.62
C ARG B 111 19.65 -7.63 23.69
N GLU B 112 20.83 -7.07 23.49
CA GLU B 112 21.02 -5.64 23.66
C GLU B 112 20.25 -4.85 22.60
N LEU B 113 20.20 -5.35 21.36
CA LEU B 113 19.35 -4.67 20.38
C LEU B 113 17.88 -4.87 20.71
N ALA B 114 17.49 -6.02 21.25
CA ALA B 114 16.08 -6.19 21.62
C ALA B 114 15.66 -5.19 22.68
N LEU B 115 16.53 -4.95 23.67
CA LEU B 115 16.19 -4.01 24.73
C LEU B 115 16.09 -2.60 24.18
N GLN B 116 17.03 -2.21 23.31
CA GLN B 116 16.95 -0.88 22.71
C GLN B 116 15.67 -0.72 21.90
N THR B 117 15.29 -1.76 21.15
CA THR B 117 14.14 -1.63 20.26
C THR B 117 12.84 -1.61 21.06
N SER B 118 12.71 -2.48 22.07
CA SER B 118 11.48 -2.48 22.86
C SER B 118 11.31 -1.14 23.59
N GLN B 119 12.41 -0.55 24.07
CA GLN B 119 12.28 0.74 24.73
C GLN B 119 11.79 1.81 23.76
N ILE B 120 12.30 1.79 22.52
CA ILE B 120 11.82 2.72 21.50
C ILE B 120 10.33 2.51 21.25
N CYS B 121 9.89 1.25 21.17
CA CYS B 121 8.47 0.99 20.93
C CYS B 121 7.61 1.47 22.10
N VAL B 122 8.09 1.29 23.33
CA VAL B 122 7.32 1.77 24.48
C VAL B 122 7.24 3.29 24.47
N GLU B 123 8.33 3.96 24.10
CA GLU B 123 8.33 5.42 24.02
C GLU B 123 7.43 5.91 22.90
N LEU B 124 7.55 5.30 21.70
CA LEU B 124 6.67 5.70 20.59
C LEU B 124 5.20 5.45 20.91
N SER B 125 4.89 4.45 21.74
CA SER B 125 3.51 4.10 22.04
C SER B 125 3.06 4.57 23.44
N LYS B 126 3.67 5.63 23.96
CA LYS B 126 3.32 6.11 25.29
C LYS B 126 1.84 6.47 25.41
N HIS B 127 1.22 6.96 24.34
CA HIS B 127 -0.17 7.39 24.37
C HIS B 127 -1.13 6.33 23.85
N ILE B 128 -0.66 5.09 23.71
CA ILE B 128 -1.46 3.97 23.24
C ILE B 128 -1.42 2.88 24.31
N GLN B 129 -2.54 2.20 24.51
CA GLN B 129 -2.57 1.11 25.49
C GLN B 129 -2.00 -0.17 24.86
N LEU B 130 -0.71 -0.11 24.56
CA LEU B 130 0.00 -1.18 23.84
C LEU B 130 0.98 -1.85 24.79
N LYS B 131 0.96 -3.17 24.84
CA LYS B 131 1.85 -3.93 25.73
C LYS B 131 2.97 -4.55 24.92
N VAL B 132 4.21 -4.20 25.27
CA VAL B 132 5.42 -4.68 24.60
C VAL B 132 6.17 -5.63 25.53
N MET B 133 6.60 -6.77 24.99
CA MET B 133 7.40 -7.73 25.72
C MET B 133 8.68 -8.09 24.99
N VAL B 134 9.78 -8.18 25.74
CA VAL B 134 11.05 -8.69 25.22
C VAL B 134 11.14 -10.17 25.54
N THR B 135 11.52 -10.99 24.55
CA THR B 135 11.78 -12.42 24.76
C THR B 135 13.18 -12.73 24.24
N THR B 136 14.16 -12.74 25.13
CA THR B 136 15.55 -12.99 24.73
C THR B 136 16.24 -13.73 25.86
N GLY B 137 17.50 -14.11 25.65
CA GLY B 137 18.30 -14.64 26.74
C GLY B 137 18.49 -13.59 27.82
N GLY B 138 18.65 -14.05 29.05
CA GLY B 138 18.80 -13.14 30.18
C GLY B 138 17.58 -13.00 31.08
N THR B 139 16.47 -13.66 30.77
CA THR B 139 15.31 -13.73 31.66
C THR B 139 14.93 -15.19 31.91
N ASP B 140 14.41 -15.46 33.10
CA ASP B 140 13.91 -16.79 33.45
C ASP B 140 12.70 -17.12 32.58
N LEU B 141 12.68 -18.33 32.01
CA LEU B 141 11.52 -18.73 31.22
C LEU B 141 10.23 -18.67 32.03
N ARG B 142 10.30 -18.97 33.34
CA ARG B 142 9.13 -18.83 34.20
C ARG B 142 8.60 -17.40 34.18
N ASP B 143 9.50 -16.41 34.05
CA ASP B 143 9.04 -15.03 33.96
C ASP B 143 8.38 -14.76 32.62
N ASP B 144 9.00 -15.24 31.53
CA ASP B 144 8.38 -15.11 30.21
C ASP B 144 6.97 -15.70 30.19
N ILE B 145 6.81 -16.88 30.78
CA ILE B 145 5.52 -17.57 30.78
C ILE B 145 4.46 -16.74 31.49
N MET B 146 4.80 -16.22 32.68
CA MET B 146 3.82 -15.43 33.42
C MET B 146 3.43 -14.19 32.63
N ARG B 147 4.41 -13.53 32.00
CA ARG B 147 4.10 -12.35 31.19
C ARG B 147 3.20 -12.72 30.01
N LEU B 148 3.51 -13.82 29.33
CA LEU B 148 2.71 -14.21 28.18
C LEU B 148 1.31 -14.68 28.57
N ASN B 149 1.08 -14.97 29.85
CA ASN B 149 -0.28 -15.25 30.32
C ASN B 149 -1.13 -14.00 30.33
N GLY B 150 -0.50 -12.83 30.43
CA GLY B 150 -1.21 -11.57 30.36
C GLY B 150 -1.33 -11.06 28.93
N THR B 151 -1.67 -9.79 28.81
CA THR B 151 -1.82 -9.19 27.49
C THR B 151 -0.45 -8.79 26.95
N VAL B 152 -0.10 -9.29 25.76
CA VAL B 152 1.08 -8.81 25.03
C VAL B 152 0.64 -8.54 23.59
N HIS B 153 0.86 -7.31 23.13
CA HIS B 153 0.58 -6.96 21.74
C HIS B 153 1.76 -7.13 20.81
N LEU B 154 2.96 -6.89 21.29
CA LEU B 154 4.13 -6.80 20.41
C LEU B 154 5.30 -7.49 21.11
N VAL B 155 5.94 -8.42 20.40
CA VAL B 155 7.08 -9.16 20.88
C VAL B 155 8.33 -8.66 20.15
N ILE B 156 9.39 -8.37 20.91
CA ILE B 156 10.73 -8.11 20.39
C ILE B 156 11.61 -9.25 20.85
N ALA B 157 12.15 -10.01 19.91
CA ALA B 157 12.71 -11.31 20.24
C ALA B 157 14.09 -11.50 19.63
N THR B 158 14.92 -12.29 20.32
CA THR B 158 15.96 -13.01 19.59
C THR B 158 15.41 -14.37 19.19
N PRO B 159 15.94 -14.96 18.12
CA PRO B 159 15.25 -16.11 17.51
C PRO B 159 15.11 -17.34 18.40
N GLY B 160 16.16 -17.71 19.14
CA GLY B 160 16.12 -18.95 19.89
C GLY B 160 15.09 -18.93 21.01
N ARG B 161 14.99 -17.82 21.74
CA ARG B 161 14.09 -17.77 22.87
C ARG B 161 12.62 -17.78 22.43
N ILE B 162 12.28 -16.99 21.42
CA ILE B 162 10.87 -16.98 21.02
C ILE B 162 10.48 -18.32 20.38
N LEU B 163 11.38 -18.97 19.65
CA LEU B 163 11.03 -20.27 19.10
C LEU B 163 10.73 -21.28 20.20
N ASP B 164 11.51 -21.23 21.29
CA ASP B 164 11.27 -22.08 22.44
C ASP B 164 9.90 -21.82 23.04
N LEU B 165 9.51 -20.55 23.16
CA LEU B 165 8.21 -20.22 23.75
C LEU B 165 7.06 -20.59 22.82
N MET B 166 7.26 -20.46 21.51
CA MET B 166 6.22 -20.87 20.57
C MET B 166 6.05 -22.38 20.59
N GLU B 167 7.15 -23.12 20.59
CA GLU B 167 7.09 -24.57 20.71
C GLU B 167 6.33 -25.01 21.95
N LYS B 168 6.59 -24.36 23.09
CA LYS B 168 5.90 -24.73 24.31
C LYS B 168 4.44 -24.32 24.32
N GLY B 169 3.94 -23.70 23.25
CA GLY B 169 2.55 -23.29 23.22
C GLY B 169 2.24 -22.08 24.06
N VAL B 170 3.24 -21.34 24.52
CA VAL B 170 2.97 -20.27 25.48
C VAL B 170 2.84 -18.92 24.78
N ALA B 171 3.59 -18.72 23.70
CA ALA B 171 3.43 -17.54 22.85
C ALA B 171 2.54 -17.93 21.69
N LYS B 172 1.30 -17.45 21.71
CA LYS B 172 0.28 -17.85 20.75
C LYS B 172 0.22 -16.84 19.61
N MET B 173 0.43 -17.33 18.38
CA MET B 173 0.78 -16.48 17.24
C MET B 173 -0.34 -16.37 16.21
N GLU B 174 -1.54 -16.88 16.52
CA GLU B 174 -2.63 -16.85 15.56
C GLU B 174 -2.85 -15.47 14.95
N HIS B 175 -2.64 -14.40 15.73
CA HIS B 175 -2.95 -13.05 15.30
C HIS B 175 -1.71 -12.25 14.92
N CYS B 176 -0.55 -12.89 14.86
CA CYS B 176 0.72 -12.20 14.62
C CYS B 176 0.92 -12.10 13.12
N LYS B 177 0.37 -11.05 12.51
CA LYS B 177 0.30 -10.92 11.05
C LYS B 177 1.43 -10.10 10.48
N THR B 178 2.37 -9.66 11.32
CA THR B 178 3.47 -8.83 10.86
C THR B 178 4.74 -9.28 11.56
N LEU B 179 5.76 -9.56 10.77
CA LEU B 179 7.04 -10.04 11.27
C LEU B 179 8.11 -9.15 10.69
N VAL B 180 8.99 -8.63 11.54
CA VAL B 180 10.14 -7.84 11.10
C VAL B 180 11.41 -8.62 11.39
N LEU B 181 12.30 -8.74 10.40
CA LEU B 181 13.60 -9.35 10.57
C LEU B 181 14.63 -8.25 10.40
N ASP B 182 15.26 -7.84 11.50
CA ASP B 182 16.22 -6.74 11.51
C ASP B 182 17.64 -7.30 11.55
N GLU B 183 18.49 -6.85 10.63
CA GLU B 183 19.82 -7.40 10.41
C GLU B 183 19.74 -8.88 10.00
N ALA B 184 18.98 -9.11 8.92
CA ALA B 184 18.71 -10.47 8.48
C ALA B 184 19.98 -11.22 8.15
N ASP B 185 20.99 -10.53 7.63
CA ASP B 185 22.23 -11.20 7.28
C ASP B 185 22.89 -11.80 8.51
N LYS B 186 22.84 -11.10 9.65
CA LYS B 186 23.32 -11.68 10.89
C LYS B 186 22.37 -12.74 11.43
N LEU B 187 21.06 -12.54 11.28
CA LEU B 187 20.09 -13.52 11.76
C LEU B 187 20.22 -14.85 11.03
N LEU B 188 20.51 -14.79 9.73
CA LEU B 188 20.49 -15.97 8.87
C LEU B 188 21.87 -16.55 8.63
N SER B 189 22.92 -15.90 9.13
CA SER B 189 24.29 -16.35 8.89
C SER B 189 24.59 -17.62 9.67
N GLN B 190 24.67 -17.51 11.00
CA GLN B 190 25.03 -18.62 11.87
C GLN B 190 23.84 -19.45 12.29
N ASP B 191 22.73 -19.38 11.56
CA ASP B 191 21.53 -20.14 11.88
C ASP B 191 21.62 -21.56 11.33
N PHE B 192 22.69 -22.27 11.70
CA PHE B 192 22.96 -23.58 11.09
C PHE B 192 21.87 -24.59 11.40
N GLN B 193 21.13 -24.40 12.49
CA GLN B 193 20.03 -25.31 12.80
C GLN B 193 18.74 -24.91 12.10
N GLY B 194 18.76 -23.85 11.30
CA GLY B 194 17.55 -23.37 10.65
C GLY B 194 16.51 -22.82 11.61
N ILE B 195 16.94 -22.04 12.60
CA ILE B 195 16.01 -21.51 13.60
C ILE B 195 14.99 -20.58 12.96
N LEU B 196 15.48 -19.54 12.26
CA LEU B 196 14.57 -18.60 11.60
C LEU B 196 13.67 -19.33 10.61
N ASP B 197 14.23 -20.27 9.84
CA ASP B 197 13.42 -21.04 8.89
C ASP B 197 12.30 -21.79 9.62
N ARG B 198 12.60 -22.37 10.77
CA ARG B 198 11.56 -23.07 11.54
C ARG B 198 10.60 -22.08 12.18
N LEU B 199 11.15 -20.98 12.71
CA LEU B 199 10.34 -20.01 13.44
C LEU B 199 9.20 -19.48 12.57
N ILE B 200 9.51 -19.10 11.32
CA ILE B 200 8.53 -18.40 10.51
C ILE B 200 7.33 -19.29 10.18
N ASN B 201 7.49 -20.62 10.24
CA ASN B 201 6.35 -21.50 10.01
C ASN B 201 5.37 -21.53 11.19
N PHE B 202 5.65 -20.83 12.28
CA PHE B 202 4.69 -20.70 13.37
C PHE B 202 3.78 -19.49 13.22
N LEU B 203 4.04 -18.63 12.25
CA LEU B 203 3.23 -17.46 12.01
C LEU B 203 2.11 -17.78 11.04
N PRO B 204 1.04 -16.98 11.03
CA PRO B 204 0.00 -17.16 10.02
C PRO B 204 0.59 -17.13 8.62
N LYS B 205 0.13 -18.05 7.77
CA LYS B 205 0.66 -18.11 6.41
C LYS B 205 0.32 -16.85 5.63
N GLU B 206 -0.80 -16.20 5.96
CA GLU B 206 -1.13 -14.88 5.44
C GLU B 206 -0.53 -13.84 6.38
N ARG B 207 0.63 -13.31 6.01
CA ARG B 207 1.40 -12.48 6.94
C ARG B 207 2.24 -11.50 6.13
N GLN B 208 2.64 -10.43 6.79
CA GLN B 208 3.55 -9.46 6.19
C GLN B 208 4.94 -9.68 6.77
N VAL B 209 5.96 -9.71 5.90
CA VAL B 209 7.34 -9.85 6.34
C VAL B 209 8.10 -8.61 5.90
N MET B 210 8.73 -7.93 6.85
CA MET B 210 9.61 -6.80 6.56
C MET B 210 11.04 -7.19 6.91
N LEU B 211 11.94 -7.17 5.92
CA LEU B 211 13.30 -7.62 6.11
C LEU B 211 14.26 -6.46 5.89
N TYR B 212 15.14 -6.21 6.87
CA TYR B 212 16.15 -5.16 6.79
C TYR B 212 17.51 -5.79 7.01
N SER B 213 18.48 -5.38 6.18
CA SER B 213 19.79 -6.01 6.22
C SER B 213 20.80 -5.13 5.48
N ALA B 214 22.03 -5.08 6.00
CA ALA B 214 23.06 -4.31 5.31
C ALA B 214 23.58 -5.04 4.08
N THR B 215 23.64 -6.37 4.13
CA THR B 215 24.17 -7.17 3.03
C THR B 215 23.17 -8.25 2.67
N PHE B 216 23.30 -8.77 1.45
CA PHE B 216 22.35 -9.76 0.93
C PHE B 216 23.10 -10.98 0.40
N PRO B 217 23.71 -11.76 1.28
CA PRO B 217 24.36 -13.00 0.86
C PRO B 217 23.31 -14.08 0.56
N ASN B 218 23.82 -15.25 0.13
CA ASN B 218 22.94 -16.34 -0.30
C ASN B 218 21.88 -16.67 0.75
N THR B 219 22.26 -16.71 2.04
CA THR B 219 21.31 -17.11 3.08
C THR B 219 20.11 -16.17 3.12
N VAL B 220 20.35 -14.88 2.88
CA VAL B 220 19.26 -13.91 2.95
C VAL B 220 18.36 -14.01 1.72
N THR B 221 18.96 -14.08 0.53
CA THR B 221 18.15 -14.15 -0.68
C THR B 221 17.44 -15.49 -0.78
N SER B 222 18.03 -16.56 -0.26
CA SER B 222 17.34 -17.85 -0.21
C SER B 222 16.11 -17.78 0.68
N PHE B 223 16.24 -17.14 1.85
CA PHE B 223 15.10 -16.96 2.75
C PHE B 223 14.01 -16.15 2.08
N MET B 224 14.38 -15.02 1.49
CA MET B 224 13.41 -14.20 0.75
C MET B 224 12.66 -15.03 -0.28
N GLN B 225 13.39 -15.79 -1.11
CA GLN B 225 12.77 -16.62 -2.14
C GLN B 225 11.77 -17.61 -1.54
N LYS B 226 12.11 -18.19 -0.39
CA LYS B 226 11.32 -19.29 0.16
C LYS B 226 10.09 -18.79 0.89
N HIS B 227 10.20 -17.66 1.61
CA HIS B 227 9.20 -17.26 2.59
C HIS B 227 8.54 -15.91 2.33
N MET B 228 9.05 -15.11 1.40
CA MET B 228 8.46 -13.81 1.15
C MET B 228 7.74 -13.81 -0.18
N HIS B 229 6.85 -12.83 -0.35
CA HIS B 229 5.98 -12.79 -1.52
C HIS B 229 6.12 -11.44 -2.19
N LYS B 230 6.74 -11.44 -3.38
CA LYS B 230 6.85 -10.27 -4.26
C LYS B 230 7.14 -8.99 -3.48
N PRO B 231 8.19 -8.98 -2.66
CA PRO B 231 8.37 -7.86 -1.74
C PRO B 231 8.76 -6.57 -2.45
N TYR B 232 8.37 -5.46 -1.85
CA TYR B 232 8.73 -4.12 -2.30
C TYR B 232 10.16 -3.84 -1.88
N GLU B 233 11.01 -3.53 -2.86
CA GLU B 233 12.44 -3.39 -2.63
C GLU B 233 12.83 -1.93 -2.39
N ILE B 234 13.63 -1.71 -1.36
CA ILE B 234 14.06 -0.38 -0.94
C ILE B 234 15.58 -0.38 -0.86
N ASN B 235 16.20 0.65 -1.45
CA ASN B 235 17.63 0.88 -1.30
C ASN B 235 17.89 2.27 -0.72
C1 GOL C . -10.46 13.68 11.78
O1 GOL C . -10.87 14.69 10.92
C2 GOL C . -9.02 13.97 12.12
O2 GOL C . -8.76 15.33 12.05
C3 GOL C . -8.85 13.40 13.55
O3 GOL C . -9.34 14.36 14.45
C1 GOL D . -3.83 0.40 3.64
O1 GOL D . -2.82 1.31 3.94
C2 GOL D . -4.12 -0.41 4.93
O2 GOL D . -2.97 -0.87 5.53
C3 GOL D . -4.91 0.55 5.85
O3 GOL D . -5.40 -0.22 6.91
C1 GOL E . 10.66 -1.26 27.73
O1 GOL E . 12.04 -1.08 27.93
C2 GOL E . 10.35 -2.74 27.33
O2 GOL E . 11.38 -3.67 27.61
C3 GOL E . 8.99 -3.08 27.96
O3 GOL E . 8.91 -4.46 28.07
C1 GOL F . 21.68 5.35 10.70
O1 GOL F . 21.14 6.45 11.36
C2 GOL F . 20.61 4.80 9.73
O2 GOL F . 20.68 5.38 8.47
C3 GOL F . 19.26 5.08 10.42
O3 GOL F . 18.48 5.83 9.52
#